data_7BZ0
#
_entry.id   7BZ0
#
_cell.length_a   105.983
_cell.length_b   105.983
_cell.length_c   101.665
_cell.angle_alpha   90.000
_cell.angle_beta   90.000
_cell.angle_gamma   120.000
#
_symmetry.space_group_name_H-M   'P 61'
#
loop_
_entity.id
_entity.type
_entity.pdbx_description
1 polymer 'Alginate lyase AlyF-OU02'
2 branched 'alpha-L-gulopyranuronic acid-(1-4)-alpha-L-gulopyranuronic acid-(1-4)-alpha-L-gulopyranuronic acid-(1-4)-alpha-L-gulopyranuronic acid-(1-4)-alpha-L-gulopyranuronic acid-(1-4)-alpha-L-gulopyranuronic acid'
3 non-polymer 'CALCIUM ION'
4 water water
#
_entity_poly.entity_id   1
_entity_poly.type   'polypeptide(L)'
_entity_poly.pdbx_seq_one_letter_code
;GPPDLGTDDDDKAMADIASCTTQEKTAPVISVAEQAVPSISEIDRSYLLSSDRLTEVDGNTLDVASEEQVAALKAQFENL
KDGDEVVIPNGKYANLGQVTITANDVTIRAEQAGAAWLTGLIQFELKGDDITLDGLVFTEGGPNERFGAVRMMGNGNTLQ
NSTFYYFNHDYTYEPDERRSEYPKYLWVSLWGKDGKVINNRFEGKQKRGTLIGVQKDDTPDNHLIANNIFMDQKPNQFNE
FDIKEAIRYNGNSWEAIRIGDSKSSQWDSSSKFVNNLMIDMDGERELISIASGDNTISGNTIFQSAALISLRHGKGNTVE
NNMILGNEKRLTGGIRIYDEDHVIRNNYIANTRGRDGVIEGNADLRGGIVINTGIIDVANGEQLDQSVKGKELNKQWTPK
NITIENNSLVDTEWGIVYGNQSHRVSLFNNAEVEGIYAGVDIAFKHNVVDNSQTPEFVSVRATHDFPLVGATYTDETYVG
QVTDSELIESYSVELPKVTVENGLNAYQGEGADVSKLSVVTAETAGPDYVLENTTK
;
_entity_poly.pdbx_strand_id   A
#
# COMPACT_ATOMS: atom_id res chain seq x y z
N SER A 39 -6.51 14.26 -19.32
CA SER A 39 -7.87 13.59 -19.25
C SER A 39 -7.81 12.09 -18.92
N ILE A 40 -8.66 11.69 -17.99
CA ILE A 40 -8.38 10.51 -17.16
C ILE A 40 -7.97 9.28 -17.96
N SER A 41 -8.79 8.88 -18.93
CA SER A 41 -8.59 7.65 -19.70
C SER A 41 -7.25 7.65 -20.48
N GLU A 42 -6.82 8.87 -20.83
CA GLU A 42 -5.65 9.13 -21.65
C GLU A 42 -4.37 9.37 -20.80
N ILE A 43 -4.49 9.38 -19.45
CA ILE A 43 -3.30 9.44 -18.55
C ILE A 43 -2.37 8.25 -18.72
N ASP A 44 -1.07 8.48 -18.62
CA ASP A 44 -0.13 7.35 -18.66
C ASP A 44 1.10 7.56 -17.79
N ARG A 45 1.94 6.51 -17.74
CA ARG A 45 3.12 6.57 -16.88
C ARG A 45 3.98 7.82 -17.20
N SER A 46 4.20 8.01 -18.50
CA SER A 46 4.91 9.22 -18.96
C SER A 46 4.37 10.51 -18.33
N TYR A 47 3.07 10.75 -18.42
CA TYR A 47 2.54 11.95 -17.83
C TYR A 47 2.78 12.11 -16.32
N LEU A 48 2.47 11.07 -15.54
CA LEU A 48 2.58 11.10 -14.04
C LEU A 48 4.02 11.30 -13.52
N LEU A 49 4.97 10.74 -14.26
CA LEU A 49 6.36 10.79 -13.87
C LEU A 49 7.18 11.93 -14.47
N SER A 50 6.61 12.69 -15.43
CA SER A 50 7.35 13.83 -16.02
C SER A 50 7.28 15.03 -15.14
N SER A 51 8.45 15.62 -14.94
CA SER A 51 8.52 16.91 -14.35
C SER A 51 9.77 17.57 -14.88
N ASP A 52 9.76 18.89 -14.86
CA ASP A 52 10.88 19.70 -15.31
C ASP A 52 11.80 19.88 -14.15
N ARG A 53 11.22 19.96 -12.94
CA ARG A 53 11.96 20.30 -11.72
C ARG A 53 13.08 19.29 -11.45
N LEU A 54 13.12 18.24 -12.25
CA LEU A 54 13.93 17.08 -11.93
C LEU A 54 15.26 17.16 -12.61
N THR A 55 16.29 17.40 -11.78
CA THR A 55 17.68 17.29 -12.23
C THR A 55 17.80 15.85 -12.61
N GLU A 56 18.62 15.58 -13.59
CA GLU A 56 18.90 14.22 -13.83
C GLU A 56 20.31 13.90 -13.29
N VAL A 57 20.43 12.86 -12.44
CA VAL A 57 21.74 12.31 -12.00
C VAL A 57 22.09 11.06 -12.81
N ASP A 58 23.35 10.94 -13.19
CA ASP A 58 23.73 9.88 -14.10
C ASP A 58 24.77 9.01 -13.40
N GLY A 59 24.56 7.68 -13.43
CA GLY A 59 25.41 6.71 -12.72
C GLY A 59 26.90 6.77 -13.05
N ASN A 60 27.17 7.18 -14.29
CA ASN A 60 28.51 7.16 -14.80
C ASN A 60 29.42 8.27 -14.31
N THR A 61 28.94 9.48 -14.18
CA THR A 61 29.71 10.55 -13.59
C THR A 61 30.13 10.24 -12.14
N LEU A 62 29.77 9.06 -11.66
CA LEU A 62 30.16 8.58 -10.36
C LEU A 62 31.19 7.48 -10.48
N ASP A 63 32.17 7.54 -9.62
CA ASP A 63 33.21 6.51 -9.58
C ASP A 63 33.06 5.59 -8.40
N VAL A 64 33.42 4.32 -8.61
CA VAL A 64 33.34 3.22 -7.63
C VAL A 64 34.37 3.35 -6.52
N ALA A 65 33.96 3.75 -5.31
CA ALA A 65 34.91 3.86 -4.19
C ALA A 65 35.62 2.55 -3.89
N SER A 66 36.93 2.65 -3.60
CA SER A 66 37.77 1.49 -3.33
C SER A 66 37.34 0.89 -1.99
N GLU A 67 37.69 -0.39 -1.78
CA GLU A 67 37.44 -1.07 -0.52
C GLU A 67 37.88 -0.19 0.66
N GLU A 68 38.86 0.69 0.42
CA GLU A 68 39.45 1.53 1.48
C GLU A 68 38.63 2.78 1.82
N GLN A 69 38.03 3.40 0.81
CA GLN A 69 37.22 4.61 1.09
C GLN A 69 35.86 4.25 1.71
N VAL A 70 35.36 3.05 1.41
CA VAL A 70 34.14 2.52 2.04
C VAL A 70 34.27 2.49 3.59
N ALA A 71 35.32 1.81 4.07
CA ALA A 71 35.67 1.81 5.49
C ALA A 71 35.79 3.23 6.09
N ALA A 72 36.52 4.10 5.37
CA ALA A 72 36.66 5.51 5.75
C ALA A 72 35.28 6.19 5.90
N LEU A 73 34.41 5.92 4.92
CA LEU A 73 33.02 6.37 4.99
C LEU A 73 32.33 5.73 6.20
N LYS A 74 32.51 4.42 6.39
CA LYS A 74 31.86 3.72 7.50
C LYS A 74 32.23 4.24 8.90
N ALA A 75 33.52 4.53 9.14
CA ALA A 75 33.99 5.12 10.41
C ALA A 75 33.36 6.48 10.63
N GLN A 76 33.35 7.30 9.59
CA GLN A 76 32.64 8.61 9.64
C GLN A 76 31.21 8.38 10.18
N PHE A 77 30.50 7.42 9.56
CA PHE A 77 29.15 7.05 10.02
C PHE A 77 29.14 6.75 11.51
N GLU A 78 29.95 5.79 11.90
CA GLU A 78 29.90 5.24 13.25
C GLU A 78 30.44 6.14 14.35
N ASN A 79 31.15 7.20 13.99
CA ASN A 79 31.74 8.08 14.98
C ASN A 79 31.05 9.41 15.17
N LEU A 80 30.09 9.73 14.29
CA LEU A 80 29.36 11.01 14.29
C LEU A 80 28.83 11.36 15.71
N LYS A 81 28.74 12.64 16.07
CA LYS A 81 28.17 13.02 17.40
C LYS A 81 26.93 13.92 17.32
N ASP A 82 26.10 13.96 18.37
CA ASP A 82 24.82 14.71 18.31
C ASP A 82 24.95 16.07 17.65
N GLY A 83 24.33 16.24 16.49
CA GLY A 83 24.33 17.52 15.80
C GLY A 83 25.25 17.51 14.60
N ASP A 84 26.11 16.52 14.52
CA ASP A 84 27.03 16.41 13.36
C ASP A 84 26.23 16.05 12.11
N GLU A 85 26.90 16.08 10.96
CA GLU A 85 26.29 15.78 9.68
C GLU A 85 27.36 15.13 8.82
N VAL A 86 27.07 14.02 8.16
CA VAL A 86 27.95 13.51 7.13
C VAL A 86 27.37 13.94 5.82
N VAL A 87 28.25 14.33 4.91
CA VAL A 87 27.90 14.79 3.60
C VAL A 87 28.65 13.88 2.68
N ILE A 88 28.13 12.68 2.48
CA ILE A 88 28.72 11.74 1.53
C ILE A 88 29.13 12.47 0.25
N PRO A 89 30.40 12.50 -0.02
CA PRO A 89 30.96 12.89 -1.32
C PRO A 89 30.38 12.03 -2.43
N ASN A 90 30.25 12.53 -3.65
CA ASN A 90 29.62 11.71 -4.71
C ASN A 90 30.34 10.41 -4.99
N GLY A 91 29.72 9.47 -5.70
CA GLY A 91 30.29 8.13 -6.03
C GLY A 91 29.47 6.88 -5.59
N LYS A 92 29.87 5.69 -6.07
CA LYS A 92 29.27 4.40 -5.71
C LYS A 92 30.01 3.62 -4.65
N TYR A 93 29.41 3.47 -3.46
CA TYR A 93 29.99 2.68 -2.38
C TYR A 93 29.35 1.33 -2.08
N ALA A 94 29.99 0.25 -2.51
CA ALA A 94 29.53 -1.14 -2.35
C ALA A 94 29.80 -1.76 -0.96
N ASN A 95 28.79 -2.44 -0.41
CA ASN A 95 28.88 -3.19 0.86
C ASN A 95 29.29 -2.52 2.12
N LEU A 96 28.76 -1.34 2.40
CA LEU A 96 28.90 -0.78 3.73
C LEU A 96 28.44 -1.75 4.86
N GLY A 97 27.60 -2.73 4.53
CA GLY A 97 27.18 -3.72 5.51
C GLY A 97 26.36 -3.06 6.57
N GLN A 98 26.70 -3.34 7.81
CA GLN A 98 25.87 -2.90 8.90
C GLN A 98 26.34 -1.54 9.42
N VAL A 99 25.53 -0.50 9.21
CA VAL A 99 25.88 0.84 9.63
C VAL A 99 24.94 1.23 10.76
N THR A 100 25.45 1.24 12.01
CA THR A 100 24.65 1.66 13.18
C THR A 100 24.88 3.12 13.60
N ILE A 101 23.86 3.98 13.46
CA ILE A 101 23.93 5.39 13.92
C ILE A 101 23.34 5.47 15.31
N THR A 102 24.17 5.84 16.29
CA THR A 102 23.71 5.88 17.68
C THR A 102 23.48 7.33 18.13
N ALA A 103 24.06 8.28 17.37
CA ALA A 103 23.92 9.73 17.61
C ALA A 103 22.53 10.32 17.37
N ASN A 104 22.15 11.30 18.18
CA ASN A 104 21.00 12.13 17.93
C ASN A 104 21.24 13.31 17.04
N ASP A 105 20.14 13.91 16.63
CA ASP A 105 20.12 15.14 15.86
C ASP A 105 21.13 15.23 14.74
N VAL A 106 21.39 14.13 14.07
CA VAL A 106 22.27 14.13 12.89
C VAL A 106 21.58 13.97 11.51
N THR A 107 22.30 14.41 10.48
CA THR A 107 21.86 14.32 9.12
C THR A 107 22.92 13.65 8.34
N ILE A 108 22.57 12.56 7.66
CA ILE A 108 23.41 12.02 6.61
C ILE A 108 22.81 12.35 5.26
N ARG A 109 23.54 13.10 4.43
CA ARG A 109 23.05 13.45 3.08
C ARG A 109 24.10 13.16 2.04
N ALA A 110 23.68 12.97 0.78
CA ALA A 110 24.60 12.98 -0.37
C ALA A 110 25.02 14.43 -0.62
N GLU A 111 26.24 14.60 -1.13
CA GLU A 111 26.84 15.92 -1.42
C GLU A 111 26.03 16.65 -2.49
N GLN A 112 25.66 15.91 -3.52
CA GLN A 112 24.65 16.34 -4.44
C GLN A 112 23.52 15.27 -4.49
N ALA A 113 22.25 15.70 -4.38
CA ALA A 113 21.13 14.74 -4.24
C ALA A 113 21.12 13.67 -5.33
N GLY A 114 21.18 12.40 -4.92
CA GLY A 114 21.04 11.31 -5.88
C GLY A 114 22.38 10.82 -6.41
N ALA A 115 23.44 11.38 -5.85
CA ALA A 115 24.78 11.13 -6.42
C ALA A 115 25.67 10.22 -5.52
N ALA A 116 25.15 9.83 -4.33
CA ALA A 116 25.77 8.82 -3.49
C ALA A 116 24.94 7.56 -3.56
N TRP A 117 25.47 6.57 -4.29
CA TRP A 117 24.86 5.28 -4.50
C TRP A 117 25.40 4.20 -3.59
N LEU A 118 24.52 3.69 -2.74
CA LEU A 118 24.87 2.63 -1.84
C LEU A 118 24.50 1.30 -2.41
N THR A 119 25.52 0.49 -2.68
CA THR A 119 25.30 -0.77 -3.34
C THR A 119 25.80 -1.98 -2.48
N GLY A 120 25.70 -3.17 -3.06
CA GLY A 120 25.86 -4.49 -2.41
C GLY A 120 24.97 -4.60 -1.18
N LEU A 121 25.45 -5.23 -0.10
CA LEU A 121 24.70 -5.30 1.18
C LEU A 121 24.91 -4.15 2.17
N ILE A 122 23.81 -3.50 2.55
CA ILE A 122 23.84 -2.38 3.47
C ILE A 122 22.57 -2.42 4.31
N GLN A 123 22.66 -2.03 5.57
CA GLN A 123 21.53 -1.58 6.34
C GLN A 123 22.00 -0.46 7.21
N PHE A 124 21.34 0.69 7.05
CA PHE A 124 21.44 1.71 8.06
C PHE A 124 20.50 1.38 9.19
N GLU A 125 21.06 1.23 10.38
CA GLU A 125 20.27 1.08 11.58
C GLU A 125 20.21 2.34 12.41
N LEU A 126 19.08 3.01 12.34
CA LEU A 126 18.97 4.33 13.00
C LEU A 126 18.43 4.17 14.37
N LYS A 127 19.36 4.16 15.34
CA LYS A 127 19.00 4.08 16.74
C LYS A 127 18.79 5.44 17.39
N GLY A 128 19.57 6.44 16.96
CA GLY A 128 19.38 7.81 17.45
C GLY A 128 18.01 8.42 17.16
N ASP A 129 17.65 9.44 17.94
CA ASP A 129 16.52 10.35 17.65
C ASP A 129 16.86 11.44 16.64
N ASP A 130 15.86 11.97 15.95
CA ASP A 130 16.05 13.11 15.01
C ASP A 130 17.19 12.88 14.00
N ILE A 131 17.35 11.63 13.60
CA ILE A 131 18.22 11.32 12.48
C ILE A 131 17.51 11.48 11.11
N THR A 132 18.20 12.09 10.15
CA THR A 132 17.65 12.34 8.80
C THR A 132 18.56 11.75 7.78
N LEU A 133 18.02 10.93 6.88
CA LEU A 133 18.78 10.44 5.71
C LEU A 133 18.18 11.18 4.57
N ASP A 134 19.00 11.64 3.62
CA ASP A 134 18.53 12.58 2.61
C ASP A 134 19.33 12.47 1.35
N GLY A 135 18.66 12.19 0.24
CA GLY A 135 19.31 12.15 -1.06
C GLY A 135 20.02 10.90 -1.49
N LEU A 136 19.91 9.85 -0.67
CA LEU A 136 20.64 8.57 -0.96
C LEU A 136 20.01 7.71 -2.06
N VAL A 137 20.82 6.84 -2.66
CA VAL A 137 20.35 5.86 -3.63
C VAL A 137 20.76 4.47 -3.18
N PHE A 138 19.79 3.55 -3.12
CA PHE A 138 20.00 2.14 -2.75
C PHE A 138 19.66 1.34 -3.98
N THR A 139 20.68 0.68 -4.55
CA THR A 139 20.52 -0.06 -5.81
C THR A 139 21.63 -1.15 -6.01
N GLU A 140 21.44 -2.07 -6.94
CA GLU A 140 22.48 -3.05 -7.25
C GLU A 140 23.00 -3.73 -5.96
N GLY A 141 22.07 -4.29 -5.20
CA GLY A 141 22.41 -4.83 -3.88
C GLY A 141 21.08 -5.19 -3.20
N GLY A 142 21.11 -5.22 -1.88
CA GLY A 142 19.98 -5.74 -1.10
C GLY A 142 20.18 -5.36 0.36
N PRO A 143 19.11 -5.51 1.18
CA PRO A 143 19.28 -5.21 2.62
C PRO A 143 20.25 -6.21 3.32
N ASN A 144 21.02 -5.68 4.24
CA ASN A 144 21.95 -6.52 4.99
C ASN A 144 21.27 -7.33 6.08
N GLU A 145 20.08 -6.92 6.48
CA GLU A 145 19.24 -7.77 7.30
C GLU A 145 17.82 -7.60 6.77
N ARG A 146 16.93 -8.54 7.06
CA ARG A 146 15.63 -8.55 6.32
C ARG A 146 14.69 -7.38 6.52
N PHE A 147 14.87 -6.61 7.58
CA PHE A 147 14.02 -5.43 7.85
C PHE A 147 14.45 -4.13 7.09
N GLY A 148 15.34 -4.30 6.14
CA GLY A 148 15.54 -3.36 5.05
C GLY A 148 16.87 -2.65 4.96
N ALA A 149 16.99 -1.76 3.97
CA ALA A 149 18.16 -0.86 3.85
C ALA A 149 18.13 0.16 4.97
N VAL A 150 16.94 0.56 5.39
CA VAL A 150 16.84 1.54 6.41
C VAL A 150 15.91 1.06 7.50
N ARG A 151 16.48 0.93 8.69
CA ARG A 151 15.75 0.57 9.91
C ARG A 151 15.61 1.79 10.80
N MET A 152 14.46 2.43 10.75
CA MET A 152 14.22 3.65 11.54
C MET A 152 13.73 3.36 12.96
N MET A 153 14.69 3.23 13.90
CA MET A 153 14.34 2.71 15.25
C MET A 153 14.11 3.82 16.25
N GLY A 154 14.72 4.96 16.00
CA GLY A 154 14.51 6.10 16.85
C GLY A 154 13.27 6.95 16.58
N ASN A 155 13.09 7.95 17.44
CA ASN A 155 12.05 8.95 17.32
C ASN A 155 12.39 10.03 16.37
N GLY A 156 11.40 10.45 15.63
CA GLY A 156 11.56 11.61 14.76
C GLY A 156 12.62 11.32 13.73
N ASN A 157 12.79 10.05 13.34
CA ASN A 157 13.63 9.70 12.17
C ASN A 157 13.02 10.06 10.80
N THR A 158 13.86 10.41 9.83
CA THR A 158 13.36 10.83 8.53
C THR A 158 14.10 10.23 7.37
N LEU A 159 13.37 9.69 6.42
CA LEU A 159 14.02 9.31 5.20
C LEU A 159 13.42 10.22 4.10
N GLN A 160 14.25 11.11 3.50
CA GLN A 160 13.71 11.99 2.45
C GLN A 160 14.55 11.97 1.19
N ASN A 161 13.93 12.35 0.08
CA ASN A 161 14.62 12.56 -1.22
C ASN A 161 15.45 11.39 -1.74
N SER A 162 15.20 10.21 -1.21
CA SER A 162 15.99 9.02 -1.58
C SER A 162 15.39 8.09 -2.64
N THR A 163 16.27 7.37 -3.34
CA THR A 163 15.78 6.45 -4.34
C THR A 163 16.18 4.98 -4.14
N PHE A 164 15.20 4.06 -4.12
CA PHE A 164 15.49 2.61 -4.19
C PHE A 164 15.21 2.15 -5.56
N TYR A 165 16.17 1.45 -6.17
CA TYR A 165 16.00 0.96 -7.52
C TYR A 165 16.36 -0.50 -7.67
N TYR A 166 15.34 -1.36 -7.87
CA TYR A 166 15.50 -2.81 -7.95
C TYR A 166 16.52 -3.39 -6.88
N PHE A 167 16.34 -3.04 -5.62
CA PHE A 167 17.28 -3.44 -4.55
C PHE A 167 16.96 -4.88 -4.12
N ASN A 168 17.10 -5.82 -5.02
CA ASN A 168 16.62 -7.17 -4.86
C ASN A 168 17.73 -8.25 -4.77
N HIS A 169 18.97 -7.81 -4.55
CA HIS A 169 20.09 -8.71 -4.95
C HIS A 169 21.02 -9.02 -3.80
N ASP A 170 21.85 -10.06 -3.99
CA ASP A 170 23.01 -10.28 -3.15
C ASP A 170 22.72 -10.93 -1.77
N TYR A 171 21.46 -11.00 -1.34
CA TYR A 171 21.08 -11.77 -0.18
C TYR A 171 20.61 -13.13 -0.62
N THR A 172 20.72 -14.12 0.23
CA THR A 172 20.28 -15.47 -0.11
C THR A 172 18.76 -15.52 -0.28
N TYR A 173 18.29 -16.21 -1.33
CA TYR A 173 16.88 -16.21 -1.62
C TYR A 173 16.42 -17.54 -2.10
N GLU A 174 16.07 -18.42 -1.16
CA GLU A 174 15.82 -19.82 -1.49
C GLU A 174 14.57 -20.25 -0.77
N PRO A 175 13.84 -21.24 -1.33
CA PRO A 175 12.74 -21.86 -0.56
C PRO A 175 13.36 -22.49 0.69
N ASP A 176 12.88 -22.20 1.89
CA ASP A 176 13.55 -22.78 3.07
C ASP A 176 13.32 -24.33 3.20
N GLU A 177 14.17 -25.05 3.97
CA GLU A 177 14.00 -26.50 4.16
C GLU A 177 12.64 -26.83 4.84
N ARG A 178 12.18 -26.02 5.79
CA ARG A 178 10.98 -26.37 6.55
C ARG A 178 9.67 -26.41 5.73
N ARG A 179 9.42 -25.42 4.88
CA ARG A 179 8.15 -25.45 4.11
C ARG A 179 8.23 -24.77 2.76
N SER A 180 9.45 -24.64 2.27
CA SER A 180 9.75 -24.05 0.99
C SER A 180 9.28 -22.58 0.90
N GLU A 181 9.37 -21.87 2.03
CA GLU A 181 9.06 -20.44 2.08
C GLU A 181 10.29 -19.60 1.72
N TYR A 182 10.14 -18.69 0.75
CA TYR A 182 11.16 -17.70 0.44
C TYR A 182 11.21 -16.58 1.52
N PRO A 183 12.40 -16.01 1.81
CA PRO A 183 12.43 -15.04 2.90
C PRO A 183 11.70 -13.76 2.54
N LYS A 184 11.00 -13.18 3.53
CA LYS A 184 10.50 -11.79 3.43
C LYS A 184 11.53 -10.76 3.69
N TYR A 185 11.93 -10.00 2.63
CA TYR A 185 12.79 -8.86 2.83
C TYR A 185 12.02 -7.57 2.57
N LEU A 186 12.11 -6.64 3.51
CA LEU A 186 11.53 -5.31 3.35
C LEU A 186 12.60 -4.35 2.88
N TRP A 187 12.19 -3.14 2.49
CA TRP A 187 13.18 -2.12 2.12
C TRP A 187 13.37 -1.05 3.15
N VAL A 188 12.27 -0.61 3.77
CA VAL A 188 12.30 0.36 4.88
C VAL A 188 11.43 -0.15 6.03
N SER A 189 11.88 0.01 7.28
CA SER A 189 11.00 -0.29 8.40
C SER A 189 11.12 0.76 9.44
N LEU A 190 9.97 1.07 10.03
CA LEU A 190 9.81 2.05 11.08
C LEU A 190 9.42 1.41 12.43
N TRP A 191 10.26 1.66 13.45
CA TRP A 191 10.09 0.96 14.70
C TRP A 191 9.94 1.96 15.81
N GLY A 192 10.10 3.26 15.50
CA GLY A 192 10.03 4.32 16.51
C GLY A 192 8.76 5.14 16.37
N LYS A 193 8.87 6.44 16.67
CA LYS A 193 7.75 7.36 16.73
C LYS A 193 8.00 8.53 15.85
N ASP A 194 6.92 9.06 15.28
CA ASP A 194 7.00 10.30 14.50
C ASP A 194 7.97 10.16 13.36
N GLY A 195 8.05 8.99 12.75
CA GLY A 195 8.89 8.79 11.58
C GLY A 195 8.30 9.50 10.34
N LYS A 196 9.18 9.85 9.43
CA LYS A 196 8.77 10.46 8.19
C LYS A 196 9.44 9.78 7.04
N VAL A 197 8.65 9.38 6.05
CA VAL A 197 9.19 8.84 4.80
C VAL A 197 8.56 9.62 3.63
N ILE A 198 9.32 10.58 3.05
CA ILE A 198 8.73 11.69 2.27
C ILE A 198 9.60 11.92 1.06
N ASN A 199 8.98 12.01 -0.13
CA ASN A 199 9.68 12.38 -1.37
C ASN A 199 10.73 11.44 -1.75
N ASN A 200 10.47 10.16 -1.57
CA ASN A 200 11.33 9.11 -2.09
C ASN A 200 10.75 8.47 -3.32
N ARG A 201 11.56 7.72 -4.00
CA ARG A 201 11.14 6.85 -5.03
C ARG A 201 11.48 5.41 -4.71
N PHE A 202 10.45 4.54 -4.84
CA PHE A 202 10.64 3.11 -4.50
C PHE A 202 10.26 2.27 -5.68
N GLU A 203 11.26 1.91 -6.46
CA GLU A 203 11.04 1.32 -7.74
C GLU A 203 11.60 -0.10 -7.90
N GLY A 204 10.77 -0.98 -8.45
CA GLY A 204 11.04 -2.36 -8.82
C GLY A 204 11.32 -3.31 -7.63
N LYS A 205 10.45 -3.32 -6.60
CA LYS A 205 10.58 -4.40 -5.61
C LYS A 205 10.03 -5.71 -6.17
N GLN A 206 10.88 -6.71 -6.37
CA GLN A 206 10.48 -7.87 -7.13
C GLN A 206 11.01 -9.15 -6.53
N LYS A 207 11.31 -9.12 -5.21
CA LYS A 207 11.36 -10.37 -4.41
C LYS A 207 10.37 -10.24 -3.22
N ARG A 208 10.09 -11.37 -2.57
CA ARG A 208 9.06 -11.39 -1.49
C ARG A 208 9.38 -10.39 -0.37
N GLY A 209 8.32 -9.81 0.23
CA GLY A 209 8.53 -8.95 1.40
C GLY A 209 7.86 -7.61 1.15
N THR A 210 7.26 -7.09 2.20
CA THR A 210 6.57 -5.77 2.17
C THR A 210 7.59 -4.68 2.00
N LEU A 211 7.33 -3.71 1.10
CA LEU A 211 8.35 -2.70 0.77
C LEU A 211 8.63 -1.74 2.03
N ILE A 212 7.60 -1.16 2.66
CA ILE A 212 7.77 -0.36 3.92
C ILE A 212 6.94 -1.12 5.02
N GLY A 213 7.58 -1.46 6.13
CA GLY A 213 6.78 -2.05 7.24
C GLY A 213 6.83 -1.18 8.47
N VAL A 214 5.67 -1.01 9.11
CA VAL A 214 5.62 -0.29 10.38
C VAL A 214 5.54 -1.34 11.49
N GLN A 215 6.58 -1.35 12.33
CA GLN A 215 6.71 -2.31 13.44
C GLN A 215 6.45 -1.54 14.71
N LYS A 216 5.23 -1.58 15.20
CA LYS A 216 4.78 -0.61 16.21
C LYS A 216 4.58 -1.26 17.58
N ASP A 217 4.26 -0.45 18.58
CA ASP A 217 3.91 -0.96 19.90
C ASP A 217 2.52 -0.52 20.29
N ASP A 218 2.21 -0.41 21.59
CA ASP A 218 0.87 -0.16 22.11
C ASP A 218 0.37 1.29 22.08
N THR A 219 1.22 2.24 21.75
CA THR A 219 0.77 3.63 21.68
C THR A 219 0.83 4.16 20.23
N PRO A 220 0.23 5.36 19.98
CA PRO A 220 0.21 5.91 18.63
C PRO A 220 1.60 6.14 18.12
N ASP A 221 1.81 5.91 16.81
CA ASP A 221 3.11 6.14 16.18
C ASP A 221 3.18 7.45 15.43
N ASN A 222 2.03 7.93 14.95
CA ASN A 222 2.04 9.19 14.14
C ASN A 222 3.14 9.28 13.07
N HIS A 223 3.32 8.24 12.26
CA HIS A 223 4.25 8.31 11.15
C HIS A 223 3.56 8.97 9.95
N LEU A 224 4.37 9.62 9.15
CA LEU A 224 3.93 10.26 7.90
C LEU A 224 4.66 9.64 6.70
N ILE A 225 3.89 8.98 5.85
CA ILE A 225 4.48 8.45 4.64
C ILE A 225 3.82 9.16 3.47
N ALA A 226 4.54 10.09 2.86
CA ALA A 226 3.82 11.09 2.00
C ALA A 226 4.63 11.54 0.83
N ASN A 227 3.96 11.90 -0.25
CA ASN A 227 4.67 12.44 -1.44
C ASN A 227 5.71 11.48 -2.01
N ASN A 228 5.50 10.18 -1.86
CA ASN A 228 6.43 9.26 -2.46
C ASN A 228 5.99 8.78 -3.77
N ILE A 229 6.97 8.29 -4.53
CA ILE A 229 6.62 7.54 -5.70
C ILE A 229 6.89 6.05 -5.50
N PHE A 230 5.95 5.16 -5.91
CA PHE A 230 6.12 3.70 -5.85
C PHE A 230 5.88 3.10 -7.23
N MET A 231 6.78 2.27 -7.77
CA MET A 231 6.51 1.65 -9.06
C MET A 231 7.02 0.25 -9.19
N ASP A 232 6.29 -0.53 -9.99
CA ASP A 232 6.74 -1.80 -10.52
C ASP A 232 7.16 -2.84 -9.47
N GLN A 233 6.40 -2.88 -8.35
CA GLN A 233 6.41 -4.03 -7.50
C GLN A 233 5.66 -5.17 -8.16
N LYS A 234 6.25 -6.35 -8.16
CA LYS A 234 5.72 -7.42 -8.94
C LYS A 234 6.25 -8.77 -8.42
N PRO A 235 5.39 -9.80 -8.32
CA PRO A 235 5.79 -11.09 -7.72
C PRO A 235 6.20 -12.16 -8.78
N ASN A 236 6.72 -13.31 -8.34
CA ASN A 236 6.99 -14.44 -9.21
C ASN A 236 7.91 -14.09 -10.40
N GLN A 237 8.89 -13.25 -10.17
CA GLN A 237 9.90 -12.99 -11.15
C GLN A 237 11.02 -13.99 -11.02
N PHE A 238 10.98 -14.87 -10.02
CA PHE A 238 12.06 -15.85 -9.87
C PHE A 238 11.54 -17.21 -9.61
N ASN A 239 10.41 -17.56 -10.24
CA ASN A 239 9.77 -18.89 -10.15
C ASN A 239 9.29 -19.29 -8.79
N GLU A 240 9.15 -18.32 -7.91
CA GLU A 240 8.67 -18.63 -6.60
C GLU A 240 7.35 -19.38 -6.64
N PHE A 241 6.44 -19.05 -7.57
CA PHE A 241 5.17 -19.72 -7.51
C PHE A 241 5.24 -21.16 -8.07
N ASP A 242 6.41 -21.59 -8.53
CA ASP A 242 6.48 -22.91 -9.17
C ASP A 242 6.31 -24.03 -8.17
N ILE A 243 6.55 -23.73 -6.91
CA ILE A 243 6.25 -24.67 -5.80
C ILE A 243 4.77 -24.59 -5.41
N LYS A 244 3.94 -25.35 -6.14
CA LYS A 244 2.47 -25.29 -6.00
C LYS A 244 1.98 -25.35 -4.55
N GLU A 245 2.53 -26.27 -3.77
CA GLU A 245 2.14 -26.50 -2.34
C GLU A 245 2.38 -25.29 -1.39
N ALA A 246 3.24 -24.38 -1.80
CA ALA A 246 3.68 -23.33 -0.92
C ALA A 246 3.11 -21.96 -1.36
N ILE A 247 2.21 -21.99 -2.32
CA ILE A 247 1.82 -20.75 -3.02
C ILE A 247 1.07 -19.76 -2.14
N ARG A 248 0.24 -20.29 -1.22
CA ARG A 248 -0.62 -19.42 -0.40
C ARG A 248 0.20 -18.46 0.46
N TYR A 249 1.35 -18.92 0.89
CA TYR A 249 2.25 -18.08 1.65
C TYR A 249 3.32 -17.42 0.81
N ASN A 250 3.96 -18.17 -0.08
CA ASN A 250 4.90 -17.50 -0.98
C ASN A 250 4.25 -16.38 -1.83
N GLY A 251 2.97 -16.51 -2.17
CA GLY A 251 2.29 -15.43 -2.91
C GLY A 251 1.76 -14.32 -2.01
N ASN A 252 2.06 -14.44 -0.70
CA ASN A 252 1.68 -13.36 0.23
C ASN A 252 2.88 -12.56 0.72
N SER A 253 2.65 -11.34 1.25
CA SER A 253 3.67 -10.44 1.80
C SER A 253 4.42 -9.75 0.65
N TRP A 254 3.69 -9.23 -0.31
CA TRP A 254 4.28 -8.38 -1.35
C TRP A 254 3.56 -7.04 -1.35
N GLU A 255 3.12 -6.56 -0.18
CA GLU A 255 2.47 -5.23 -0.11
C GLU A 255 3.49 -4.10 -0.31
N ALA A 256 2.99 -2.95 -0.74
CA ALA A 256 3.84 -1.76 -0.77
C ALA A 256 4.10 -1.22 0.62
N ILE A 257 3.09 -1.29 1.49
CA ILE A 257 3.29 -0.87 2.87
C ILE A 257 2.30 -1.65 3.76
N ARG A 258 2.82 -1.99 4.93
CA ARG A 258 1.96 -2.59 5.96
C ARG A 258 2.09 -1.66 7.18
N ILE A 259 0.94 -1.16 7.66
CA ILE A 259 0.99 -0.31 8.90
C ILE A 259 0.48 -1.09 10.13
N GLY A 260 1.40 -1.59 10.98
CA GLY A 260 0.96 -2.45 12.14
C GLY A 260 1.04 -3.92 11.71
N ASP A 261 0.51 -4.82 12.51
CA ASP A 261 0.54 -6.25 12.13
C ASP A 261 -0.48 -6.93 13.01
N SER A 262 -0.62 -8.26 12.92
CA SER A 262 -1.77 -8.87 13.58
C SER A 262 -1.66 -8.61 15.12
N LYS A 263 -0.48 -8.81 15.72
CA LYS A 263 -0.35 -8.73 17.19
C LYS A 263 -0.62 -7.30 17.68
N SER A 264 -0.22 -6.32 16.89
CA SER A 264 -0.37 -4.92 17.27
C SER A 264 -1.66 -4.28 16.75
N SER A 265 -2.51 -5.08 16.12
CA SER A 265 -3.58 -4.48 15.33
C SER A 265 -4.67 -3.85 16.14
N GLN A 266 -4.78 -4.15 17.43
CA GLN A 266 -5.94 -3.64 18.13
C GLN A 266 -5.54 -2.36 18.90
N TRP A 267 -4.42 -1.79 18.51
CA TRP A 267 -3.94 -0.46 19.02
C TRP A 267 -3.87 0.54 17.88
N ASP A 268 -4.01 1.83 18.20
CA ASP A 268 -3.86 2.91 17.23
C ASP A 268 -2.44 3.12 16.78
N SER A 269 -2.25 3.33 15.47
CA SER A 269 -1.00 3.80 14.92
C SER A 269 -1.13 5.33 14.67
N SER A 270 -2.35 5.76 14.28
CA SER A 270 -2.58 7.15 13.88
C SER A 270 -1.51 7.61 12.89
N SER A 271 -1.15 6.77 11.92
CA SER A 271 -0.16 7.09 10.93
C SER A 271 -0.88 7.46 9.60
N LYS A 272 -0.14 8.10 8.70
CA LYS A 272 -0.73 8.68 7.48
C LYS A 272 -0.01 8.14 6.27
N PHE A 273 -0.78 7.65 5.29
CA PHE A 273 -0.25 7.27 4.01
C PHE A 273 -0.97 8.17 2.98
N VAL A 274 -0.29 9.26 2.57
CA VAL A 274 -1.00 10.36 1.89
C VAL A 274 -0.21 10.92 0.73
N ASN A 275 -0.94 11.27 -0.36
CA ASN A 275 -0.35 12.04 -1.43
C ASN A 275 0.71 11.30 -2.11
N ASN A 276 0.62 9.94 -2.13
CA ASN A 276 1.60 9.15 -2.85
C ASN A 276 1.15 8.84 -4.23
N LEU A 277 2.12 8.49 -5.07
CA LEU A 277 1.82 8.10 -6.45
C LEU A 277 2.29 6.71 -6.65
N MET A 278 1.40 5.80 -7.13
CA MET A 278 1.68 4.38 -7.25
C MET A 278 1.35 3.95 -8.64
N ILE A 279 2.31 3.30 -9.30
CA ILE A 279 2.18 2.94 -10.73
C ILE A 279 2.58 1.47 -10.94
N ASP A 280 1.70 0.66 -11.53
CA ASP A 280 1.90 -0.76 -11.83
C ASP A 280 2.45 -1.50 -10.56
N MET A 281 1.83 -1.20 -9.43
CA MET A 281 2.16 -1.87 -8.16
C MET A 281 1.28 -3.10 -8.12
N ASP A 282 1.84 -4.29 -8.37
CA ASP A 282 1.04 -5.47 -8.64
C ASP A 282 1.45 -6.60 -7.67
N GLY A 283 2.04 -6.23 -6.53
CA GLY A 283 2.63 -7.20 -5.57
C GLY A 283 1.72 -8.40 -5.30
N GLU A 284 0.47 -8.11 -4.94
CA GLU A 284 -0.50 -9.13 -4.44
C GLU A 284 -1.84 -8.42 -4.25
N ARG A 285 -2.83 -9.13 -3.68
CA ARG A 285 -4.09 -8.54 -3.50
C ARG A 285 -4.07 -7.26 -2.65
N GLU A 286 -3.25 -7.20 -1.61
CA GLU A 286 -3.10 -5.98 -0.79
C GLU A 286 -1.99 -5.09 -1.26
N LEU A 287 -2.39 -3.89 -1.73
CA LEU A 287 -1.43 -2.86 -2.11
C LEU A 287 -0.87 -2.22 -0.83
N ILE A 288 -1.79 -1.90 0.10
CA ILE A 288 -1.48 -1.28 1.36
C ILE A 288 -2.29 -2.15 2.33
N SER A 289 -1.61 -2.71 3.33
CA SER A 289 -2.28 -3.56 4.33
C SER A 289 -2.25 -2.77 5.68
N ILE A 290 -3.41 -2.24 6.07
CA ILE A 290 -3.51 -1.51 7.31
C ILE A 290 -3.88 -2.55 8.30
N ALA A 291 -3.05 -2.62 9.35
CA ALA A 291 -3.17 -3.63 10.45
C ALA A 291 -2.98 -2.93 11.81
N SER A 292 -3.67 -1.82 12.01
CA SER A 292 -3.65 -1.04 13.31
C SER A 292 -4.73 0.02 13.12
N GLY A 293 -4.93 0.88 14.13
CA GLY A 293 -6.09 1.72 14.22
C GLY A 293 -5.81 3.18 13.91
N ASP A 294 -6.88 3.91 13.52
CA ASP A 294 -6.88 5.40 13.45
C ASP A 294 -5.95 5.91 12.38
N ASN A 295 -5.80 5.12 11.29
CA ASN A 295 -4.89 5.57 10.25
C ASN A 295 -5.63 6.39 9.14
N THR A 296 -4.84 7.14 8.34
CA THR A 296 -5.39 7.87 7.15
C THR A 296 -4.72 7.40 5.94
N ILE A 297 -5.51 7.01 4.92
CA ILE A 297 -4.90 6.53 3.70
C ILE A 297 -5.68 7.29 2.64
N SER A 298 -5.15 8.47 2.21
CA SER A 298 -5.95 9.52 1.60
C SER A 298 -5.18 10.28 0.55
N GLY A 299 -5.88 10.57 -0.53
CA GLY A 299 -5.29 11.36 -1.59
C GLY A 299 -4.20 10.80 -2.44
N ASN A 300 -4.06 9.47 -2.49
CA ASN A 300 -3.07 8.80 -3.30
C ASN A 300 -3.60 8.60 -4.71
N THR A 301 -2.71 8.62 -5.67
CA THR A 301 -3.05 8.24 -6.99
C THR A 301 -2.50 6.85 -7.19
N ILE A 302 -3.40 5.92 -7.57
CA ILE A 302 -3.03 4.51 -7.74
C ILE A 302 -3.36 4.14 -9.19
N PHE A 303 -2.31 3.97 -9.99
CA PHE A 303 -2.52 3.91 -11.42
C PHE A 303 -2.11 2.54 -11.95
N GLN A 304 -3.04 1.86 -12.60
CA GLN A 304 -2.78 0.56 -13.21
C GLN A 304 -2.10 -0.42 -12.24
N SER A 305 -2.60 -0.46 -11.00
CA SER A 305 -1.95 -1.24 -9.96
C SER A 305 -2.86 -2.46 -9.63
N ALA A 306 -2.42 -3.72 -9.93
CA ALA A 306 -3.25 -4.88 -9.71
C ALA A 306 -3.21 -5.28 -8.17
N ALA A 307 -3.70 -4.38 -7.30
CA ALA A 307 -3.57 -4.57 -5.83
C ALA A 307 -4.49 -3.51 -5.22
N LEU A 308 -5.09 -3.79 -4.06
CA LEU A 308 -6.16 -2.97 -3.51
C LEU A 308 -5.71 -2.36 -2.19
N ILE A 309 -6.31 -1.19 -1.86
CA ILE A 309 -6.13 -0.71 -0.49
C ILE A 309 -6.85 -1.73 0.42
N SER A 310 -6.20 -2.19 1.47
CA SER A 310 -6.81 -3.29 2.24
C SER A 310 -6.84 -2.88 3.72
N LEU A 311 -8.05 -2.74 4.28
CA LEU A 311 -8.18 -2.47 5.70
C LEU A 311 -8.25 -3.88 6.35
N ARG A 312 -7.10 -4.39 6.80
CA ARG A 312 -6.95 -5.85 6.98
C ARG A 312 -7.23 -6.19 8.43
N HIS A 313 -6.68 -5.39 9.35
CA HIS A 313 -7.00 -5.57 10.79
C HIS A 313 -7.05 -4.18 11.40
N GLY A 314 -7.80 -3.99 12.48
CA GLY A 314 -7.69 -2.73 13.25
C GLY A 314 -8.86 -1.85 12.94
N LYS A 315 -9.03 -0.78 13.73
CA LYS A 315 -10.29 -0.09 13.79
C LYS A 315 -10.21 1.38 13.49
N GLY A 316 -11.27 1.92 12.88
CA GLY A 316 -11.42 3.36 12.72
C GLY A 316 -10.42 3.94 11.78
N ASN A 317 -10.22 3.29 10.64
CA ASN A 317 -9.32 3.83 9.64
C ASN A 317 -10.13 4.62 8.58
N THR A 318 -9.49 5.62 7.99
CA THR A 318 -10.19 6.54 7.09
C THR A 318 -9.54 6.53 5.75
N VAL A 319 -10.34 6.33 4.66
CA VAL A 319 -9.77 6.23 3.30
C VAL A 319 -10.55 7.22 2.42
N GLU A 320 -9.88 8.32 2.05
CA GLU A 320 -10.62 9.47 1.48
C GLU A 320 -9.87 10.04 0.35
N ASN A 321 -10.61 10.58 -0.67
CA ASN A 321 -10.01 11.41 -1.72
C ASN A 321 -8.93 10.74 -2.55
N ASN A 322 -8.93 9.43 -2.59
CA ASN A 322 -8.01 8.72 -3.45
C ASN A 322 -8.48 8.68 -4.89
N MET A 323 -7.52 8.59 -5.78
CA MET A 323 -7.79 8.42 -7.17
C MET A 323 -7.22 7.13 -7.70
N ILE A 324 -8.10 6.20 -7.98
CA ILE A 324 -7.67 4.86 -8.32
C ILE A 324 -8.04 4.64 -9.74
N LEU A 325 -7.02 4.61 -10.57
CA LEU A 325 -7.22 4.66 -12.01
C LEU A 325 -6.70 3.37 -12.59
N GLY A 326 -7.61 2.42 -12.76
CA GLY A 326 -7.21 1.06 -13.15
C GLY A 326 -6.67 1.02 -14.60
N ASN A 327 -7.12 1.99 -15.39
CA ASN A 327 -6.83 2.04 -16.83
C ASN A 327 -7.08 0.74 -17.57
N GLU A 328 -8.12 0.03 -17.15
CA GLU A 328 -8.54 -1.26 -17.74
C GLU A 328 -7.62 -2.44 -17.54
N LYS A 329 -6.65 -2.36 -16.63
CA LYS A 329 -5.72 -3.47 -16.34
C LYS A 329 -6.48 -4.51 -15.52
N ARG A 330 -6.29 -5.80 -15.87
CA ARG A 330 -6.96 -6.89 -15.14
C ARG A 330 -6.44 -6.89 -13.68
N LEU A 331 -7.30 -7.33 -12.72
CA LEU A 331 -6.92 -7.42 -11.29
C LEU A 331 -6.68 -6.11 -10.54
N THR A 332 -7.18 -5.02 -11.12
CA THR A 332 -7.22 -3.75 -10.45
C THR A 332 -8.50 -3.69 -9.58
N GLY A 333 -8.59 -2.69 -8.72
CA GLY A 333 -9.72 -2.64 -7.77
C GLY A 333 -9.44 -1.48 -6.79
N GLY A 334 -10.34 -1.25 -5.83
CA GLY A 334 -10.33 -0.03 -5.00
C GLY A 334 -9.92 -0.46 -3.61
N ILE A 335 -10.90 -0.76 -2.75
CA ILE A 335 -10.63 -0.85 -1.30
C ILE A 335 -11.36 -2.09 -0.82
N ARG A 336 -10.68 -2.93 -0.03
CA ARG A 336 -11.34 -4.07 0.61
C ARG A 336 -11.26 -3.91 2.15
N ILE A 337 -12.31 -4.36 2.84
CA ILE A 337 -12.56 -3.93 4.21
C ILE A 337 -12.86 -5.05 5.18
N TYR A 338 -12.09 -5.15 6.26
CA TYR A 338 -12.41 -6.00 7.40
C TYR A 338 -12.44 -5.08 8.63
N ASP A 339 -12.99 -5.58 9.72
CA ASP A 339 -12.94 -4.93 11.02
C ASP A 339 -13.86 -3.74 11.09
N GLU A 340 -13.75 -2.92 12.15
CA GLU A 340 -14.83 -1.98 12.48
C GLU A 340 -14.50 -0.52 12.39
N ASP A 341 -15.58 0.27 12.23
CA ASP A 341 -15.57 1.73 12.44
C ASP A 341 -14.87 2.54 11.37
N HIS A 342 -14.63 1.99 10.16
CA HIS A 342 -13.96 2.74 9.09
C HIS A 342 -14.80 3.75 8.31
N VAL A 343 -14.12 4.72 7.71
CA VAL A 343 -14.82 5.79 6.98
C VAL A 343 -14.18 5.83 5.62
N ILE A 344 -14.98 5.59 4.59
CA ILE A 344 -14.52 5.49 3.24
C ILE A 344 -15.33 6.52 2.45
N ARG A 345 -14.67 7.66 2.13
CA ARG A 345 -15.44 8.75 1.53
C ARG A 345 -14.71 9.46 0.43
N ASN A 346 -15.47 9.92 -0.59
CA ASN A 346 -14.93 10.78 -1.62
C ASN A 346 -13.75 10.20 -2.37
N ASN A 347 -13.76 8.89 -2.60
CA ASN A 347 -12.81 8.29 -3.53
C ASN A 347 -13.35 8.21 -4.94
N TYR A 348 -12.42 8.26 -5.90
CA TYR A 348 -12.73 8.23 -7.32
C TYR A 348 -12.01 7.01 -7.91
N ILE A 349 -12.82 6.02 -8.32
CA ILE A 349 -12.29 4.70 -8.70
C ILE A 349 -12.80 4.43 -10.07
N ALA A 350 -11.89 4.27 -11.02
CA ALA A 350 -12.31 4.23 -12.41
C ALA A 350 -11.60 3.17 -13.22
N ASN A 351 -12.36 2.57 -14.14
CA ASN A 351 -11.80 1.67 -15.15
C ASN A 351 -11.09 0.47 -14.59
N THR A 352 -11.63 -0.09 -13.50
CA THR A 352 -11.01 -1.26 -12.88
C THR A 352 -11.62 -2.55 -13.46
N ARG A 353 -10.89 -3.66 -13.38
CA ARG A 353 -11.28 -4.91 -14.06
C ARG A 353 -10.86 -6.06 -13.21
N GLY A 354 -11.68 -7.13 -13.17
CA GLY A 354 -11.36 -8.30 -12.30
C GLY A 354 -10.59 -9.35 -13.10
N ARG A 355 -10.57 -10.61 -12.64
CA ARG A 355 -9.79 -11.65 -13.30
C ARG A 355 -10.50 -12.02 -14.63
N ASP A 356 -9.72 -12.52 -15.57
CA ASP A 356 -10.19 -13.42 -16.65
C ASP A 356 -10.85 -14.76 -16.23
N GLY A 357 -11.89 -15.14 -17.02
CA GLY A 357 -12.93 -16.15 -16.71
C GLY A 357 -12.67 -17.45 -15.98
N GLU A 360 -15.76 -18.74 -10.22
CA GLU A 360 -16.11 -19.59 -9.07
C GLU A 360 -17.16 -18.77 -8.39
N GLY A 361 -18.27 -19.37 -7.92
CA GLY A 361 -19.46 -18.63 -7.38
C GLY A 361 -19.08 -17.85 -6.10
N ASN A 362 -18.01 -18.35 -5.49
CA ASN A 362 -17.54 -17.95 -4.19
C ASN A 362 -16.27 -17.12 -4.20
N ALA A 363 -15.88 -16.71 -5.40
CA ALA A 363 -14.57 -16.06 -5.66
C ALA A 363 -14.44 -14.77 -4.80
N ASP A 364 -13.26 -14.54 -4.32
CA ASP A 364 -12.92 -13.25 -3.66
C ASP A 364 -12.72 -12.24 -4.81
N LEU A 365 -13.82 -11.65 -5.29
CA LEU A 365 -13.75 -10.64 -6.38
C LEU A 365 -13.04 -9.37 -5.92
N ARG A 366 -12.24 -8.83 -6.83
CA ARG A 366 -11.62 -7.49 -6.65
C ARG A 366 -12.63 -6.43 -7.14
N GLY A 367 -13.21 -5.68 -6.23
CA GLY A 367 -14.10 -4.66 -6.73
C GLY A 367 -13.61 -3.27 -6.36
N GLY A 368 -14.38 -2.25 -6.72
CA GLY A 368 -14.05 -0.87 -6.34
C GLY A 368 -14.11 -0.72 -4.84
N ILE A 369 -15.17 -1.21 -4.20
CA ILE A 369 -15.22 -1.29 -2.72
C ILE A 369 -15.73 -2.71 -2.36
N VAL A 370 -15.00 -3.46 -1.54
CA VAL A 370 -15.37 -4.85 -1.24
C VAL A 370 -15.64 -4.91 0.27
N ILE A 371 -16.88 -5.25 0.64
CA ILE A 371 -17.22 -5.49 2.09
C ILE A 371 -16.98 -7.00 2.34
N ASN A 372 -15.84 -7.33 2.97
CA ASN A 372 -15.45 -8.75 3.07
C ASN A 372 -16.43 -9.50 3.95
N THR A 373 -16.51 -10.80 3.79
CA THR A 373 -17.05 -11.66 4.90
C THR A 373 -15.92 -11.79 5.94
N GLY A 374 -16.27 -12.26 7.14
CA GLY A 374 -15.25 -12.66 8.15
C GLY A 374 -15.77 -13.85 8.92
N ILE A 375 -15.13 -14.19 10.03
CA ILE A 375 -15.29 -15.51 10.66
C ILE A 375 -15.85 -15.37 12.07
N ILE A 376 -16.30 -14.17 12.41
CA ILE A 376 -16.85 -13.92 13.73
C ILE A 376 -18.18 -13.22 13.62
N ASP A 377 -19.05 -13.57 14.59
CA ASP A 377 -20.40 -13.03 14.64
C ASP A 377 -20.44 -11.66 15.31
N VAL A 378 -20.02 -10.61 14.58
CA VAL A 378 -19.97 -9.26 15.10
C VAL A 378 -21.36 -8.66 15.38
N ALA A 379 -22.37 -9.15 14.67
CA ALA A 379 -23.74 -8.67 14.90
C ALA A 379 -24.10 -9.00 16.37
N ASN A 380 -23.45 -10.02 16.97
CA ASN A 380 -23.72 -10.36 18.41
C ASN A 380 -22.52 -10.07 19.28
N GLY A 381 -21.64 -9.20 18.77
CA GLY A 381 -20.51 -8.63 19.52
C GLY A 381 -19.30 -9.51 19.69
N GLU A 382 -19.23 -10.63 18.95
CA GLU A 382 -18.02 -11.44 18.84
C GLU A 382 -16.76 -10.61 18.37
N GLN A 383 -15.59 -10.97 18.89
CA GLN A 383 -14.32 -10.31 18.57
C GLN A 383 -13.32 -11.37 18.21
N LEU A 384 -12.23 -10.97 17.54
CA LEU A 384 -11.11 -11.85 17.41
C LEU A 384 -10.37 -11.68 18.75
N ASP A 385 -9.66 -12.72 19.13
CA ASP A 385 -9.03 -12.82 20.42
C ASP A 385 -7.89 -13.83 20.30
N GLN A 386 -6.69 -13.38 20.64
CA GLN A 386 -5.53 -14.27 20.63
C GLN A 386 -5.72 -15.57 21.45
N SER A 387 -6.68 -15.63 22.39
CA SER A 387 -6.91 -16.84 23.23
C SER A 387 -7.90 -17.83 22.68
N VAL A 388 -8.70 -17.42 21.70
CA VAL A 388 -9.74 -18.27 21.17
C VAL A 388 -9.26 -18.98 19.88
N LYS A 389 -9.11 -20.30 19.93
CA LYS A 389 -8.47 -21.04 18.84
C LYS A 389 -9.39 -20.82 17.64
N GLY A 390 -8.78 -20.68 16.46
CA GLY A 390 -9.48 -20.34 15.22
C GLY A 390 -9.93 -18.87 15.08
N LYS A 391 -9.87 -18.08 16.13
CA LYS A 391 -10.37 -16.70 16.08
C LYS A 391 -9.32 -15.69 16.56
N GLU A 392 -8.07 -15.98 16.26
CA GLU A 392 -6.88 -15.19 16.66
C GLU A 392 -6.85 -13.82 15.86
N LEU A 393 -5.99 -12.90 16.30
CA LEU A 393 -5.98 -11.54 15.81
C LEU A 393 -5.58 -11.54 14.33
N ASN A 394 -4.97 -12.62 13.84
CA ASN A 394 -4.50 -12.58 12.42
C ASN A 394 -5.54 -13.16 11.47
N LYS A 395 -6.72 -13.44 12.00
CA LYS A 395 -7.78 -13.96 11.19
C LYS A 395 -8.63 -12.85 10.61
N GLN A 396 -9.91 -13.12 10.39
CA GLN A 396 -10.76 -12.22 9.61
C GLN A 396 -11.90 -11.66 10.43
N TRP A 397 -11.73 -10.38 10.79
CA TRP A 397 -12.76 -9.63 11.53
C TRP A 397 -13.90 -9.15 10.63
N THR A 398 -15.09 -9.75 10.77
CA THR A 398 -16.24 -9.39 9.93
C THR A 398 -16.43 -7.88 10.02
N PRO A 399 -16.55 -7.18 8.88
CA PRO A 399 -16.68 -5.72 8.98
C PRO A 399 -17.92 -5.24 9.75
N LYS A 400 -17.80 -4.16 10.49
CA LYS A 400 -18.96 -3.68 11.22
C LYS A 400 -18.92 -2.19 11.39
N ASN A 401 -20.07 -1.49 11.29
CA ASN A 401 -20.09 -0.08 11.53
C ASN A 401 -19.19 0.71 10.54
N ILE A 402 -19.46 0.56 9.23
CA ILE A 402 -18.59 1.14 8.15
C ILE A 402 -19.37 2.28 7.51
N THR A 403 -18.73 3.44 7.32
CA THR A 403 -19.41 4.54 6.66
C THR A 403 -18.89 4.57 5.22
N ILE A 404 -19.76 4.44 4.21
CA ILE A 404 -19.29 4.47 2.82
C ILE A 404 -20.12 5.51 2.01
N GLU A 405 -19.52 6.67 1.72
CA GLU A 405 -20.27 7.84 1.24
C GLU A 405 -19.58 8.63 0.22
N ASN A 406 -20.38 9.19 -0.69
CA ASN A 406 -19.84 10.13 -1.65
C ASN A 406 -18.61 9.57 -2.41
N ASN A 407 -18.63 8.30 -2.75
CA ASN A 407 -17.64 7.71 -3.63
C ASN A 407 -18.15 7.73 -5.06
N SER A 408 -17.24 7.89 -6.02
CA SER A 408 -17.63 7.75 -7.44
C SER A 408 -16.89 6.58 -7.98
N LEU A 409 -17.63 5.59 -8.46
CA LEU A 409 -17.00 4.47 -9.13
C LEU A 409 -17.47 4.56 -10.55
N VAL A 410 -16.52 4.65 -11.48
CA VAL A 410 -16.82 4.90 -12.90
C VAL A 410 -16.27 3.79 -13.77
N ASP A 411 -17.15 3.12 -14.51
CA ASP A 411 -16.71 2.05 -15.41
C ASP A 411 -15.90 0.99 -14.65
N THR A 412 -16.44 0.49 -13.54
CA THR A 412 -15.73 -0.47 -12.74
C THR A 412 -16.43 -1.83 -13.07
N GLU A 413 -15.67 -2.83 -13.46
CA GLU A 413 -16.26 -4.17 -13.83
C GLU A 413 -17.04 -4.75 -12.66
N TRP A 414 -16.45 -4.64 -11.45
CA TRP A 414 -17.13 -4.99 -10.22
C TRP A 414 -17.07 -3.71 -9.34
N GLY A 415 -18.20 -3.09 -9.11
CA GLY A 415 -18.32 -1.85 -8.34
C GLY A 415 -18.26 -2.06 -6.83
N ILE A 416 -19.41 -2.06 -6.16
CA ILE A 416 -19.42 -2.32 -4.71
C ILE A 416 -19.76 -3.79 -4.61
N VAL A 417 -18.85 -4.58 -4.06
CA VAL A 417 -19.02 -6.04 -3.90
C VAL A 417 -19.32 -6.38 -2.43
N TYR A 418 -20.48 -7.05 -2.20
CA TYR A 418 -20.76 -7.63 -0.89
C TYR A 418 -20.23 -9.03 -0.93
N GLY A 419 -19.20 -9.32 -0.12
CA GLY A 419 -18.41 -10.53 -0.25
C GLY A 419 -19.19 -11.79 0.05
N ASN A 420 -18.81 -12.86 -0.57
CA ASN A 420 -19.35 -14.16 -0.23
C ASN A 420 -18.19 -15.11 -0.15
N GLN A 421 -16.94 -14.62 0.01
CA GLN A 421 -15.82 -15.51 -0.03
C GLN A 421 -15.74 -16.33 1.28
N SER A 422 -15.16 -17.52 1.16
CA SER A 422 -14.81 -18.26 2.36
C SER A 422 -13.34 -17.90 2.78
N HIS A 423 -12.85 -18.47 3.87
CA HIS A 423 -11.47 -18.16 4.30
C HIS A 423 -10.89 -19.48 4.76
N ARG A 424 -9.56 -19.57 4.72
CA ARG A 424 -8.81 -20.73 5.23
C ARG A 424 -8.43 -20.48 6.66
N VAL A 425 -8.06 -21.55 7.35
CA VAL A 425 -7.69 -21.40 8.78
C VAL A 425 -6.49 -20.46 8.94
N SER A 426 -5.50 -20.63 8.05
CA SER A 426 -4.28 -19.81 8.09
C SER A 426 -3.55 -19.93 6.76
N LEU A 427 -2.48 -19.18 6.61
CA LEU A 427 -1.62 -19.32 5.39
C LEU A 427 -0.99 -20.76 5.30
N PHE A 428 -1.01 -21.54 6.38
CA PHE A 428 -0.31 -22.85 6.43
C PHE A 428 -1.28 -23.99 6.64
N ASN A 429 -2.53 -23.66 6.89
CA ASN A 429 -3.55 -24.65 7.03
C ASN A 429 -4.65 -24.36 6.02
N ASN A 430 -4.69 -25.17 4.95
CA ASN A 430 -5.64 -24.96 3.84
C ASN A 430 -7.10 -25.30 4.06
N ALA A 431 -7.44 -25.77 5.25
CA ALA A 431 -8.82 -26.13 5.52
C ALA A 431 -9.68 -24.85 5.47
N GLU A 432 -10.89 -24.98 4.92
CA GLU A 432 -11.81 -23.84 4.90
C GLU A 432 -12.45 -23.67 6.23
N VAL A 433 -12.61 -22.45 6.65
CA VAL A 433 -13.32 -22.17 7.89
C VAL A 433 -14.81 -22.37 7.68
N GLU A 434 -15.42 -23.08 8.61
CA GLU A 434 -16.86 -23.22 8.59
C GLU A 434 -17.37 -22.18 9.65
N GLY A 435 -18.24 -21.29 9.24
CA GLY A 435 -18.65 -20.20 10.11
C GLY A 435 -18.22 -18.88 9.43
N ILE A 436 -19.07 -18.32 8.57
CA ILE A 436 -18.71 -17.14 7.72
C ILE A 436 -19.85 -16.20 7.89
N TYR A 437 -19.59 -14.91 8.07
CA TYR A 437 -20.58 -13.96 8.40
C TYR A 437 -20.46 -12.76 7.48
N ALA A 438 -21.59 -12.15 7.14
CA ALA A 438 -21.64 -10.90 6.33
C ALA A 438 -21.40 -9.61 7.14
N GLY A 439 -20.91 -8.55 6.49
CA GLY A 439 -20.85 -7.23 7.10
C GLY A 439 -22.12 -6.68 7.80
N VAL A 440 -21.90 -5.94 8.89
CA VAL A 440 -22.95 -5.45 9.77
C VAL A 440 -22.87 -3.97 9.94
N ASP A 441 -24.03 -3.30 9.98
CA ASP A 441 -24.15 -1.86 10.08
C ASP A 441 -23.28 -1.12 9.06
N ILE A 442 -23.55 -1.43 7.81
CA ILE A 442 -22.86 -0.75 6.68
C ILE A 442 -23.74 0.36 6.12
N ALA A 443 -23.28 1.60 6.24
CA ALA A 443 -24.16 2.70 5.84
C ALA A 443 -23.62 3.28 4.52
N PHE A 444 -24.43 3.15 3.48
CA PHE A 444 -24.16 3.71 2.17
C PHE A 444 -24.91 5.01 1.92
N LYS A 445 -24.20 6.10 1.58
CA LYS A 445 -24.89 7.38 1.27
C LYS A 445 -24.21 8.14 0.16
N HIS A 446 -25.01 8.61 -0.80
CA HIS A 446 -24.55 9.53 -1.85
C HIS A 446 -23.47 8.98 -2.75
N ASN A 447 -23.35 7.64 -2.83
CA ASN A 447 -22.44 7.00 -3.80
C ASN A 447 -23.01 7.00 -5.23
N VAL A 448 -22.13 7.10 -6.21
CA VAL A 448 -22.51 6.94 -7.61
C VAL A 448 -21.65 5.80 -8.14
N VAL A 449 -22.30 4.71 -8.59
CA VAL A 449 -21.61 3.73 -9.39
C VAL A 449 -22.12 3.89 -10.82
N ASP A 450 -21.27 4.39 -11.71
CA ASP A 450 -21.69 4.73 -13.07
C ASP A 450 -21.11 3.75 -14.07
N ASN A 451 -21.87 2.70 -14.42
CA ASN A 451 -21.48 1.83 -15.50
C ASN A 451 -22.34 2.12 -16.75
N SER A 452 -22.70 3.39 -16.93
CA SER A 452 -23.48 3.75 -18.12
C SER A 452 -22.72 3.35 -19.41
N GLN A 453 -21.40 3.27 -19.41
CA GLN A 453 -20.69 2.97 -20.67
C GLN A 453 -20.77 1.49 -20.99
N THR A 454 -20.76 0.64 -19.96
CA THR A 454 -20.83 -0.81 -20.20
C THR A 454 -21.75 -1.38 -19.09
N PRO A 455 -23.08 -1.35 -19.34
CA PRO A 455 -24.00 -1.54 -18.24
C PRO A 455 -24.14 -3.02 -17.88
N GLU A 456 -23.41 -3.89 -18.60
CA GLU A 456 -23.37 -5.33 -18.28
C GLU A 456 -22.43 -5.51 -17.10
N PHE A 457 -21.64 -4.49 -16.81
CA PHE A 457 -20.67 -4.57 -15.71
C PHE A 457 -21.55 -4.53 -14.46
N VAL A 458 -21.07 -5.17 -13.39
CA VAL A 458 -21.88 -5.27 -12.14
C VAL A 458 -21.54 -4.10 -11.23
N SER A 459 -22.46 -3.16 -11.08
CA SER A 459 -22.27 -1.95 -10.27
C SER A 459 -22.33 -2.26 -8.80
N VAL A 460 -23.25 -3.13 -8.41
CA VAL A 460 -23.35 -3.58 -7.00
C VAL A 460 -23.60 -5.07 -7.02
N ARG A 461 -22.71 -5.81 -6.32
CA ARG A 461 -22.87 -7.25 -6.29
C ARG A 461 -23.39 -7.65 -4.91
N ALA A 462 -24.72 -7.62 -4.77
CA ALA A 462 -25.32 -8.08 -3.53
C ALA A 462 -25.46 -9.60 -3.60
N THR A 463 -25.60 -10.28 -2.44
CA THR A 463 -25.62 -11.74 -2.49
C THR A 463 -26.47 -12.34 -1.38
N HIS A 464 -27.44 -13.16 -1.79
CA HIS A 464 -28.28 -13.82 -0.81
C HIS A 464 -27.46 -14.83 0.02
N ASP A 465 -26.27 -15.20 -0.46
CA ASP A 465 -25.42 -16.14 0.30
C ASP A 465 -25.09 -15.55 1.69
N PHE A 466 -24.78 -14.25 1.71
CA PHE A 466 -24.43 -13.53 2.94
C PHE A 466 -25.03 -12.16 2.87
N PRO A 467 -26.32 -12.07 3.20
CA PRO A 467 -26.95 -10.74 3.23
C PRO A 467 -26.33 -9.85 4.31
N LEU A 468 -26.10 -8.58 3.99
CA LEU A 468 -25.60 -7.66 4.99
C LEU A 468 -26.64 -7.48 6.08
N VAL A 469 -26.18 -7.20 7.31
CA VAL A 469 -27.04 -7.07 8.42
C VAL A 469 -27.09 -5.60 8.76
N GLY A 470 -28.30 -5.04 8.80
CA GLY A 470 -28.42 -3.65 9.19
C GLY A 470 -27.82 -2.70 8.15
N ALA A 471 -27.82 -3.09 6.87
CA ALA A 471 -27.30 -2.16 5.85
C ALA A 471 -28.35 -1.03 5.62
N THR A 472 -27.90 0.19 5.38
CA THR A 472 -28.81 1.27 5.02
C THR A 472 -28.35 2.03 3.74
N TYR A 473 -29.31 2.63 3.03
CA TYR A 473 -29.03 3.29 1.73
C TYR A 473 -29.69 4.66 1.70
N THR A 474 -28.90 5.71 1.51
CA THR A 474 -29.43 7.04 1.48
C THR A 474 -28.94 7.67 0.20
N ASP A 475 -29.85 7.93 -0.74
CA ASP A 475 -29.48 8.62 -2.01
C ASP A 475 -28.34 7.98 -2.81
N GLU A 476 -28.44 6.65 -2.93
CA GLU A 476 -27.50 5.90 -3.74
C GLU A 476 -27.94 5.98 -5.21
N THR A 477 -26.96 5.96 -6.13
CA THR A 477 -27.21 5.92 -7.58
C THR A 477 -26.35 4.82 -8.17
N TYR A 478 -27.00 3.79 -8.71
CA TYR A 478 -26.28 2.67 -9.30
C TYR A 478 -26.79 2.49 -10.72
N VAL A 479 -25.89 2.64 -11.70
CA VAL A 479 -26.18 2.44 -13.08
C VAL A 479 -25.39 1.28 -13.63
N GLY A 480 -26.09 0.25 -14.11
CA GLY A 480 -25.41 -0.97 -14.46
C GLY A 480 -26.04 -2.14 -13.70
N GLN A 481 -25.51 -3.33 -13.88
CA GLN A 481 -26.11 -4.51 -13.28
C GLN A 481 -26.06 -4.43 -11.76
N VAL A 482 -27.15 -4.79 -11.11
CA VAL A 482 -27.14 -4.97 -9.66
C VAL A 482 -27.55 -6.41 -9.39
N THR A 483 -26.65 -7.24 -8.85
CA THR A 483 -27.05 -8.65 -8.55
C THR A 483 -27.80 -8.68 -7.21
N ASP A 484 -28.81 -9.59 -7.11
CA ASP A 484 -29.64 -9.67 -5.86
C ASP A 484 -30.09 -8.35 -5.37
N SER A 485 -30.61 -7.56 -6.30
CA SER A 485 -30.97 -6.21 -5.98
C SER A 485 -32.09 -6.12 -4.97
N GLU A 486 -32.91 -7.19 -4.84
CA GLU A 486 -34.00 -7.13 -3.86
C GLU A 486 -33.50 -7.05 -2.42
N LEU A 487 -32.17 -7.26 -2.23
CA LEU A 487 -31.53 -7.01 -0.90
C LEU A 487 -31.40 -5.52 -0.57
N ILE A 488 -31.58 -4.65 -1.56
CA ILE A 488 -31.28 -3.25 -1.35
C ILE A 488 -32.57 -2.45 -1.23
N GLU A 489 -32.74 -1.72 -0.14
CA GLU A 489 -33.97 -0.97 0.06
C GLU A 489 -34.33 -0.08 -1.18
N SER A 490 -33.42 0.82 -1.56
CA SER A 490 -33.72 1.74 -2.65
C SER A 490 -32.44 2.35 -3.20
N TYR A 491 -32.56 2.85 -4.43
CA TYR A 491 -31.49 3.56 -5.06
C TYR A 491 -32.08 4.07 -6.34
N SER A 492 -31.45 5.09 -6.88
CA SER A 492 -31.82 5.62 -8.18
C SER A 492 -31.05 4.92 -9.32
N VAL A 493 -31.68 4.72 -10.48
CA VAL A 493 -30.99 4.23 -11.65
C VAL A 493 -30.80 5.36 -12.68
N GLU A 494 -31.02 6.60 -12.30
CA GLU A 494 -30.75 7.65 -13.30
C GLU A 494 -29.63 8.51 -12.77
N LEU A 495 -28.58 8.74 -13.57
CA LEU A 495 -27.47 9.64 -13.13
C LEU A 495 -27.96 11.05 -12.93
N PRO A 496 -27.42 11.79 -11.93
CA PRO A 496 -27.68 13.22 -11.93
C PRO A 496 -26.99 13.79 -13.19
N LYS A 497 -27.17 15.09 -13.47
CA LYS A 497 -26.47 15.72 -14.57
C LYS A 497 -24.98 15.52 -14.33
N VAL A 498 -24.27 15.15 -15.37
CA VAL A 498 -22.83 14.96 -15.29
C VAL A 498 -22.04 16.05 -16.05
N THR A 499 -21.06 16.67 -15.35
CA THR A 499 -20.10 17.55 -16.01
C THR A 499 -18.68 16.98 -15.89
N VAL A 500 -17.76 17.54 -16.66
CA VAL A 500 -16.37 17.15 -16.55
C VAL A 500 -15.57 18.35 -16.01
N GLU A 501 -14.90 18.14 -14.89
CA GLU A 501 -14.07 19.15 -14.24
C GLU A 501 -12.64 18.58 -14.09
N ASN A 502 -11.67 19.25 -14.74
CA ASN A 502 -10.27 18.77 -14.84
C ASN A 502 -10.14 17.25 -15.08
N GLY A 503 -11.04 16.71 -15.92
CA GLY A 503 -10.97 15.34 -16.45
C GLY A 503 -11.84 14.31 -15.70
N LEU A 504 -12.30 14.71 -14.53
CA LEU A 504 -13.14 13.89 -13.69
C LEU A 504 -14.63 14.04 -14.03
N ASN A 505 -15.39 12.97 -13.86
CA ASN A 505 -16.84 13.15 -13.87
C ASN A 505 -17.31 13.78 -12.57
N ALA A 506 -18.11 14.84 -12.66
CA ALA A 506 -18.77 15.42 -11.49
C ALA A 506 -20.26 15.13 -11.68
N TYR A 507 -20.86 14.43 -10.73
CA TYR A 507 -22.28 14.10 -10.72
C TYR A 507 -22.96 15.12 -9.79
N GLN A 508 -23.91 15.90 -10.32
CA GLN A 508 -24.48 16.99 -9.54
C GLN A 508 -25.11 16.57 -8.21
N GLY A 509 -24.61 17.07 -7.09
CA GLY A 509 -25.20 16.71 -5.80
C GLY A 509 -24.84 15.35 -5.16
N GLU A 510 -24.03 14.55 -5.83
CA GLU A 510 -23.82 13.14 -5.40
C GLU A 510 -22.40 12.74 -5.75
N GLY A 511 -22.01 11.55 -5.27
CA GLY A 511 -20.68 11.01 -5.59
C GLY A 511 -19.49 11.81 -5.10
N ALA A 512 -18.30 11.56 -5.64
CA ALA A 512 -17.14 12.23 -5.04
C ALA A 512 -17.11 13.66 -5.51
N ASP A 513 -16.95 14.56 -4.54
CA ASP A 513 -16.76 15.99 -4.86
C ASP A 513 -15.39 16.24 -5.50
N VAL A 514 -15.39 16.67 -6.76
CA VAL A 514 -14.16 16.73 -7.57
C VAL A 514 -13.23 17.86 -7.08
N SER A 515 -13.80 18.74 -6.29
CA SER A 515 -13.04 19.81 -5.62
C SER A 515 -11.99 19.27 -4.70
N LYS A 516 -12.24 18.09 -4.19
CA LYS A 516 -11.35 17.44 -3.20
C LYS A 516 -10.34 16.46 -3.85
N LEU A 517 -10.41 16.31 -5.17
CA LEU A 517 -9.61 15.28 -5.83
C LEU A 517 -8.60 15.89 -6.76
N SER A 518 -7.43 15.28 -6.86
CA SER A 518 -6.47 15.69 -7.83
C SER A 518 -5.42 14.61 -7.98
N VAL A 519 -4.92 14.52 -9.20
CA VAL A 519 -3.93 13.51 -9.54
C VAL A 519 -2.57 13.93 -8.95
N VAL A 520 -1.87 12.99 -8.29
CA VAL A 520 -0.49 13.19 -7.85
C VAL A 520 0.45 12.84 -9.00
N THR A 521 1.39 13.73 -9.36
CA THR A 521 2.35 13.41 -10.44
C THR A 521 3.73 13.68 -9.85
N ALA A 522 4.76 13.35 -10.59
CA ALA A 522 6.14 13.76 -10.20
C ALA A 522 6.42 15.26 -10.00
N GLU A 523 5.41 16.14 -10.08
CA GLU A 523 5.54 17.57 -9.72
C GLU A 523 5.53 17.82 -8.21
N THR A 524 4.92 16.93 -7.42
CA THR A 524 5.06 17.04 -5.98
C THR A 524 5.55 15.76 -5.30
N ALA A 525 5.45 14.63 -5.97
CA ALA A 525 5.76 13.33 -5.37
C ALA A 525 7.12 12.89 -5.82
N GLY A 526 7.85 12.22 -4.92
CA GLY A 526 9.10 11.59 -5.38
C GLY A 526 10.30 12.54 -5.21
N PRO A 527 11.51 12.06 -5.55
CA PRO A 527 12.72 12.86 -5.28
C PRO A 527 12.89 14.01 -6.31
N ASP A 528 13.80 14.96 -6.04
CA ASP A 528 13.98 16.06 -7.02
C ASP A 528 14.90 15.74 -8.18
N TYR A 529 15.20 14.45 -8.35
CA TYR A 529 16.07 14.01 -9.41
C TYR A 529 15.54 12.70 -9.96
N VAL A 530 15.97 12.36 -11.17
CA VAL A 530 15.82 11.00 -11.68
C VAL A 530 17.21 10.46 -11.89
N LEU A 531 17.34 9.16 -11.74
CA LEU A 531 18.63 8.47 -11.96
C LEU A 531 18.65 7.95 -13.37
N GLU A 532 19.84 8.01 -14.01
CA GLU A 532 20.12 7.50 -15.36
C GLU A 532 21.27 6.51 -15.27
N ASN A 533 21.28 5.48 -16.13
CA ASN A 533 22.34 4.49 -16.14
C ASN A 533 22.34 3.65 -14.86
N THR A 534 21.16 3.12 -14.53
CA THR A 534 20.96 2.28 -13.32
C THR A 534 20.87 0.90 -13.90
N THR A 535 20.92 -0.12 -13.06
CA THR A 535 20.77 -1.49 -13.53
C THR A 535 19.80 -2.24 -12.58
N LYS A 536 18.91 -3.01 -13.19
CA LYS A 536 17.83 -3.75 -12.53
C LYS A 536 18.42 -5.04 -11.88
#